data_5DLB
#
_entry.id   5DLB
#
_cell.length_a   112.206
_cell.length_b   46.019
_cell.length_c   58.006
_cell.angle_alpha   90.000
_cell.angle_beta   92.240
_cell.angle_gamma   90.000
#
_symmetry.space_group_name_H-M   'C 1 2 1'
#
loop_
_entity.id
_entity.type
_entity.pdbx_description
1 polymer 'chaperone EspG3'
2 non-polymer '3-CYCLOHEXYL-1-PROPYLSULFONIC ACID'
3 non-polymer GLYCEROL
4 non-polymer 'SULFATE ION'
5 non-polymer 'PLATINUM (II) ION'
6 non-polymer 'THIOCYANATE ION'
7 water water
#
_entity_poly.entity_id   1
_entity_poly.type   'polypeptide(L)'
_entity_poly.pdbx_seq_one_letter_code
;SHHHHHHSSSENLYFQSMESMPNAVELTVENAWFIAEMVGAGTFPWVLAITTPYSDEAQRSAFFARQRDELTQLGLLSSD
GVVNPAVAEWIKVVCFPERWLDLRYVGPGTGNGGEDLLRGIVAQSAGIMGKAGKAHPSFNTVVALRNAQLVTFTAMDIDD
PRALVPVLGVGLSARPPARFEEFSMPMRVGARADERLRSGESLDEVLDYLGIPVSARPVVQAVFSGPRSYVEIVAGCNRD
GEHTTTDVGLSIVDTTAGRVLVSPSRAFDGEWVSTFSAGTPFATAVAIDQLIANLPDGQWFPGQRLSRDFSSQPS
;
_entity_poly.pdbx_strand_id   A
#
# COMPACT_ATOMS: atom_id res chain seq x y z
N PRO A 22 21.56 6.68 -4.28
CA PRO A 22 21.61 7.06 -5.70
C PRO A 22 20.36 6.56 -6.47
N ASN A 23 19.83 5.45 -6.00
CA ASN A 23 18.56 4.87 -6.38
C ASN A 23 17.44 5.26 -5.42
N ALA A 24 17.67 6.20 -4.51
CA ALA A 24 16.63 6.60 -3.57
C ALA A 24 16.91 8.00 -3.05
N VAL A 25 15.82 8.69 -2.73
CA VAL A 25 15.89 10.00 -2.19
C VAL A 25 14.80 10.11 -1.15
N GLU A 26 15.15 10.69 0.01
CA GLU A 26 14.14 11.08 0.98
C GLU A 26 13.83 12.58 0.82
N LEU A 27 12.57 12.94 0.84
CA LEU A 27 12.17 14.32 0.75
C LEU A 27 11.14 14.65 1.79
N THR A 28 10.90 15.94 1.98
CA THR A 28 9.74 16.36 2.75
C THR A 28 8.58 16.24 1.81
N VAL A 29 7.40 16.19 2.38
CA VAL A 29 6.21 16.07 1.54
C VAL A 29 6.04 17.36 0.77
N GLU A 30 6.56 18.45 1.30
CA GLU A 30 6.44 19.75 0.62
C GLU A 30 7.40 19.81 -0.54
N ASN A 31 8.61 19.31 -0.32
CA ASN A 31 9.59 19.15 -1.38
C ASN A 31 9.00 18.34 -2.57
N ALA A 32 8.36 17.26 -2.22
CA ALA A 32 7.79 16.34 -3.21
C ALA A 32 6.71 17.06 -4.01
N TRP A 33 5.84 17.78 -3.33
CA TRP A 33 4.75 18.54 -3.95
C TRP A 33 5.31 19.53 -4.96
N PHE A 34 6.36 20.26 -4.56
CA PHE A 34 7.02 21.21 -5.46
C PHE A 34 7.57 20.61 -6.76
N ILE A 35 8.16 19.43 -6.66
CA ILE A 35 8.78 18.79 -7.80
C ILE A 35 7.68 18.27 -8.69
N ALA A 36 6.64 17.76 -8.05
CA ALA A 36 5.43 17.33 -8.82
C ALA A 36 4.90 18.48 -9.68
N GLU A 37 4.82 19.64 -9.06
CA GLU A 37 4.38 20.85 -9.76
C GLU A 37 5.40 21.17 -10.86
N MET A 38 6.70 21.17 -10.54
CA MET A 38 7.71 21.44 -11.57
C MET A 38 7.69 20.49 -12.77
N VAL A 39 7.39 19.22 -12.56
CA VAL A 39 7.33 18.29 -13.67
C VAL A 39 6.01 18.33 -14.41
N GLY A 40 5.04 19.09 -13.93
CA GLY A 40 3.77 19.17 -14.66
C GLY A 40 2.65 18.30 -14.16
N ALA A 41 2.86 17.62 -13.01
CA ALA A 41 1.89 16.71 -12.49
C ALA A 41 1.08 17.46 -11.51
N GLY A 42 -0.23 17.36 -11.58
CA GLY A 42 -0.97 18.25 -10.68
C GLY A 42 -0.67 17.82 -9.23
N THR A 43 -0.70 16.51 -9.06
CA THR A 43 -1.05 15.94 -7.78
C THR A 43 -0.45 14.55 -7.77
N PHE A 44 -0.33 13.99 -6.58
CA PHE A 44 0.09 12.60 -6.42
C PHE A 44 -1.10 11.67 -6.29
N PRO A 45 -0.89 10.37 -6.51
CA PRO A 45 -1.87 9.35 -6.19
C PRO A 45 -2.51 9.60 -4.81
N TRP A 46 -3.82 9.55 -4.80
CA TRP A 46 -4.61 9.78 -3.64
C TRP A 46 -4.10 9.03 -2.39
N VAL A 47 -3.69 7.78 -2.59
CA VAL A 47 -3.25 6.97 -1.46
C VAL A 47 -2.19 7.68 -0.62
N LEU A 48 -1.35 8.52 -1.23
CA LEU A 48 -0.29 9.20 -0.46
C LEU A 48 -0.74 10.36 0.33
N ALA A 49 -1.91 10.92 0.03
CA ALA A 49 -2.50 11.98 0.85
C ALA A 49 -1.55 13.20 0.87
N ILE A 50 -0.88 13.51 -0.24
CA ILE A 50 0.09 14.58 -0.26
C ILE A 50 -0.60 15.73 -0.95
N THR A 51 -1.18 16.63 -0.15
CA THR A 51 -1.99 17.72 -0.65
C THR A 51 -1.24 19.06 -0.54
N THR A 52 -1.86 20.09 -1.10
CA THR A 52 -1.31 21.43 -1.14
C THR A 52 -0.88 21.89 0.25
N PRO A 53 0.41 22.27 0.36
CA PRO A 53 1.06 22.59 1.67
C PRO A 53 0.55 23.82 2.40
N TYR A 54 0.13 24.82 1.66
CA TYR A 54 -0.24 26.17 2.11
C TYR A 54 -1.75 26.45 1.86
N SER A 55 -2.17 27.72 1.89
CA SER A 55 -3.56 28.17 1.63
C SER A 55 -3.73 29.25 0.49
N ASP A 56 -3.36 30.50 0.76
CA ASP A 56 -3.64 31.63 -0.14
C ASP A 56 -2.81 31.67 -1.43
N GLU A 57 -2.98 32.75 -2.22
CA GLU A 57 -2.01 33.17 -3.26
C GLU A 57 -0.75 33.69 -2.55
N ALA A 58 -0.98 34.16 -1.32
CA ALA A 58 0.05 34.72 -0.45
C ALA A 58 0.99 33.67 0.12
N GLN A 59 0.43 32.57 0.58
CA GLN A 59 1.23 31.45 1.03
C GLN A 59 1.93 30.79 -0.16
N ARG A 60 1.38 30.92 -1.37
CA ARG A 60 1.94 30.17 -2.50
C ARG A 60 3.35 30.67 -2.85
N SER A 61 3.48 31.98 -2.81
CA SER A 61 4.69 32.68 -3.25
C SER A 61 5.91 32.42 -2.27
N ALA A 62 5.61 32.48 -0.98
CA ALA A 62 6.58 32.12 0.07
C ALA A 62 6.96 30.65 -0.01
N PHE A 63 5.97 29.77 -0.20
CA PHE A 63 6.22 28.38 -0.34
C PHE A 63 7.17 28.16 -1.49
N PHE A 64 6.87 28.74 -2.63
CA PHE A 64 7.71 28.56 -3.84
C PHE A 64 9.15 29.08 -3.58
N ALA A 65 9.28 30.24 -2.95
CA ALA A 65 10.62 30.78 -2.66
C ALA A 65 11.41 29.77 -1.79
N ARG A 66 10.76 29.30 -0.74
CA ARG A 66 11.38 28.41 0.26
C ARG A 66 11.81 27.11 -0.38
N GLN A 67 10.91 26.57 -1.21
CA GLN A 67 11.19 25.29 -1.86
C GLN A 67 12.27 25.40 -2.94
N ARG A 68 12.31 26.46 -3.73
CA ARG A 68 13.40 26.65 -4.69
C ARG A 68 14.74 26.60 -3.93
N ASP A 69 14.75 27.29 -2.83
CA ASP A 69 15.92 27.36 -1.97
C ASP A 69 16.32 25.99 -1.38
N GLU A 70 15.38 25.27 -0.79
CA GLU A 70 15.65 23.95 -0.23
C GLU A 70 16.08 22.90 -1.27
N LEU A 71 15.47 22.90 -2.46
CA LEU A 71 15.89 21.94 -3.46
C LEU A 71 17.27 22.28 -3.99
N THR A 72 17.60 23.55 -4.06
CA THR A 72 18.90 23.99 -4.54
C THR A 72 19.95 23.55 -3.52
N GLN A 73 19.77 23.90 -2.24
CA GLN A 73 20.73 23.49 -1.18
C GLN A 73 20.79 21.97 -1.18
N LEU A 74 19.81 21.26 -1.75
CA LEU A 74 19.92 19.80 -1.76
C LEU A 74 20.60 19.24 -3.04
N GLY A 75 21.06 20.14 -3.90
CA GLY A 75 21.54 19.76 -5.24
C GLY A 75 20.52 19.09 -6.15
N LEU A 76 19.23 19.19 -5.82
CA LEU A 76 18.14 18.57 -6.62
C LEU A 76 17.59 19.57 -7.61
N LEU A 77 18.00 20.83 -7.50
CA LEU A 77 17.55 21.83 -8.44
C LEU A 77 18.80 22.62 -8.75
N SER A 78 19.12 22.68 -10.03
CA SER A 78 20.30 23.36 -10.50
C SER A 78 20.12 24.86 -10.44
N SER A 79 21.22 25.55 -10.13
CA SER A 79 21.31 27.01 -10.31
C SER A 79 20.54 27.53 -11.57
N ASP A 80 20.61 26.78 -12.66
CA ASP A 80 19.85 27.02 -13.87
C ASP A 80 18.35 26.57 -13.86
N GLY A 81 17.89 25.99 -12.74
CA GLY A 81 16.45 25.68 -12.58
C GLY A 81 16.00 24.36 -13.11
N VAL A 82 16.96 23.43 -13.26
CA VAL A 82 16.68 22.11 -13.78
C VAL A 82 16.52 21.08 -12.63
N VAL A 83 15.39 20.36 -12.62
CA VAL A 83 15.16 19.32 -11.63
C VAL A 83 16.12 18.17 -11.94
N ASN A 84 16.75 17.64 -10.90
CA ASN A 84 17.54 16.47 -11.09
C ASN A 84 16.81 15.40 -11.92
N PRO A 85 17.40 14.97 -13.04
CA PRO A 85 16.63 14.21 -14.03
C PRO A 85 16.14 12.84 -13.49
N ALA A 86 16.92 12.29 -12.56
CA ALA A 86 16.55 11.03 -11.93
C ALA A 86 15.38 11.13 -10.98
N VAL A 87 15.42 12.11 -10.08
CA VAL A 87 14.30 12.36 -9.16
C VAL A 87 13.04 12.81 -9.93
N ALA A 88 13.24 13.64 -10.98
CA ALA A 88 12.11 14.02 -11.80
C ALA A 88 11.41 12.79 -12.39
N GLU A 89 12.19 11.87 -12.96
CA GLU A 89 11.63 10.69 -13.60
C GLU A 89 10.89 9.84 -12.53
N TRP A 90 11.44 9.78 -11.32
CA TRP A 90 10.84 8.89 -10.32
C TRP A 90 9.49 9.46 -9.90
N ILE A 91 9.43 10.76 -9.72
CA ILE A 91 8.19 11.43 -9.37
C ILE A 91 7.15 11.34 -10.55
N LYS A 92 7.62 11.44 -11.79
CA LYS A 92 6.70 11.21 -12.91
C LYS A 92 6.13 9.78 -13.01
N VAL A 93 6.97 8.80 -12.76
CA VAL A 93 6.49 7.41 -12.68
C VAL A 93 5.37 7.24 -11.66
N VAL A 94 5.57 7.84 -10.48
CA VAL A 94 4.59 7.79 -9.37
C VAL A 94 3.34 8.61 -9.67
N CYS A 95 3.53 9.74 -10.34
CA CYS A 95 2.38 10.58 -10.67
C CYS A 95 1.61 10.11 -11.92
N PHE A 96 2.27 9.41 -12.83
CA PHE A 96 1.68 9.07 -14.15
C PHE A 96 1.85 7.56 -14.37
N PRO A 97 1.37 6.78 -13.44
CA PRO A 97 1.69 5.37 -13.49
C PRO A 97 0.84 4.62 -14.45
N GLU A 98 1.45 3.66 -15.09
CA GLU A 98 0.69 2.76 -15.98
C GLU A 98 0.02 1.61 -15.19
N ARG A 99 0.70 1.10 -14.15
CA ARG A 99 0.23 0.02 -13.29
C ARG A 99 0.73 0.38 -11.89
N TRP A 100 -0.07 0.09 -10.86
CA TRP A 100 0.33 0.38 -9.49
C TRP A 100 -0.30 -0.56 -8.44
N LEU A 101 0.38 -0.64 -7.29
CA LEU A 101 -0.21 -1.14 -6.03
C LEU A 101 -0.32 -0.06 -5.03
N ASP A 102 -1.52 0.19 -4.49
CA ASP A 102 -1.73 1.21 -3.48
C ASP A 102 -1.58 0.53 -2.14
N LEU A 103 -0.80 1.10 -1.24
CA LEU A 103 -0.58 0.43 0.03
C LEU A 103 -1.07 1.28 1.17
N ARG A 104 -2.04 0.85 1.96
CA ARG A 104 -2.46 1.64 3.08
C ARG A 104 -2.07 0.87 4.38
N TYR A 105 -1.14 1.42 5.15
CA TYR A 105 -0.64 0.73 6.36
C TYR A 105 -1.34 1.27 7.58
N VAL A 106 -1.69 0.39 8.52
CA VAL A 106 -2.25 0.81 9.77
C VAL A 106 -1.44 0.16 10.88
N GLY A 107 -1.30 0.88 11.96
CA GLY A 107 -0.66 0.35 13.15
C GLY A 107 -0.62 1.39 14.23
N PRO A 108 -0.08 1.00 15.40
CA PRO A 108 -0.04 1.90 16.52
C PRO A 108 1.02 2.94 16.18
N LEU A 117 0.20 8.23 9.67
CA LEU A 117 0.16 8.21 8.21
C LEU A 117 1.36 7.50 7.56
N LEU A 118 1.24 6.16 7.36
CA LEU A 118 2.12 5.37 6.49
C LEU A 118 1.44 4.85 5.24
N ARG A 119 1.80 5.44 4.08
CA ARG A 119 1.12 5.19 2.84
C ARG A 119 2.18 4.93 1.76
N GLY A 120 1.88 4.04 0.87
CA GLY A 120 2.80 3.78 -0.19
C GLY A 120 2.11 3.53 -1.50
N ILE A 121 2.95 3.57 -2.51
CA ILE A 121 2.58 3.12 -3.87
C ILE A 121 3.80 2.49 -4.57
N VAL A 122 3.59 1.37 -5.23
CA VAL A 122 4.48 0.74 -6.11
C VAL A 122 3.95 1.04 -7.53
N ALA A 123 4.74 1.79 -8.27
CA ALA A 123 4.35 2.30 -9.58
C ALA A 123 5.26 1.81 -10.66
N GLN A 124 4.68 1.50 -11.84
CA GLN A 124 5.43 1.16 -13.01
C GLN A 124 4.83 2.02 -14.15
N SER A 125 5.70 2.59 -14.96
CA SER A 125 5.26 3.46 -16.03
C SER A 125 6.07 2.99 -17.21
N ALA A 126 5.83 1.72 -17.56
CA ALA A 126 6.57 0.99 -18.64
C ALA A 126 7.22 1.85 -19.72
N GLY A 127 6.47 2.80 -20.29
CA GLY A 127 7.05 3.72 -21.26
C GLY A 127 8.33 4.44 -20.79
N ILE A 128 8.22 5.28 -19.78
CA ILE A 128 9.31 6.16 -19.47
C ILE A 128 10.49 5.29 -18.93
N MET A 129 10.24 4.38 -17.96
CA MET A 129 11.36 3.56 -17.33
C MET A 129 11.43 2.05 -17.75
N PHE A 139 16.12 -0.14 -13.90
CA PHE A 139 14.92 0.05 -13.08
C PHE A 139 13.63 0.11 -13.90
N ASN A 140 12.60 -0.55 -13.37
CA ASN A 140 11.26 -0.55 -13.93
C ASN A 140 10.11 -0.26 -12.96
N THR A 141 10.43 0.19 -11.74
CA THR A 141 9.45 0.35 -10.70
C THR A 141 9.91 1.53 -9.85
N VAL A 142 8.98 2.29 -9.31
CA VAL A 142 9.35 3.28 -8.34
C VAL A 142 8.48 3.07 -7.14
N VAL A 143 9.07 3.03 -5.96
CA VAL A 143 8.29 2.86 -4.78
C VAL A 143 8.31 4.18 -4.03
N ALA A 144 7.14 4.67 -3.70
CA ALA A 144 7.00 5.80 -2.83
C ALA A 144 6.39 5.42 -1.48
N LEU A 145 7.03 5.88 -0.42
CA LEU A 145 6.59 5.53 0.93
C LEU A 145 6.53 6.81 1.72
N ARG A 146 5.34 7.22 2.11
CA ARG A 146 5.14 8.45 2.81
C ARG A 146 4.89 8.09 4.29
N ASN A 147 5.68 8.69 5.18
CA ASN A 147 5.57 8.48 6.64
C ASN A 147 5.59 9.85 7.32
N ALA A 148 4.39 10.31 7.72
CA ALA A 148 4.20 11.59 8.34
C ALA A 148 4.63 12.74 7.37
N GLN A 149 5.60 13.56 7.72
CA GLN A 149 6.01 14.69 6.90
C GLN A 149 7.13 14.41 5.88
N LEU A 150 7.54 13.15 5.76
CA LEU A 150 8.58 12.78 4.83
C LEU A 150 8.09 11.78 3.78
N VAL A 151 8.78 11.67 2.65
CA VAL A 151 8.41 10.73 1.58
C VAL A 151 9.67 10.28 0.91
N THR A 152 9.87 8.96 0.80
CA THR A 152 11.00 8.44 0.11
C THR A 152 10.59 7.91 -1.26
N PHE A 153 11.42 8.12 -2.25
CA PHE A 153 11.19 7.50 -3.57
C PHE A 153 12.37 6.61 -3.83
N THR A 154 12.11 5.36 -4.18
CA THR A 154 13.13 4.33 -4.39
C THR A 154 12.90 3.68 -5.80
N ALA A 155 13.87 3.76 -6.69
CA ALA A 155 13.81 3.05 -7.99
C ALA A 155 14.35 1.63 -7.77
N MET A 156 13.62 0.63 -8.21
CA MET A 156 13.94 -0.75 -8.03
C MET A 156 13.76 -1.45 -9.31
N ASP A 157 14.44 -2.58 -9.43
CA ASP A 157 14.17 -3.55 -10.47
C ASP A 157 13.38 -4.74 -9.95
N ILE A 158 12.10 -4.80 -10.29
CA ILE A 158 11.20 -5.85 -9.86
C ILE A 158 10.74 -6.55 -11.12
N ASP A 159 10.93 -7.84 -11.11
CA ASP A 159 10.79 -8.75 -12.26
C ASP A 159 9.88 -9.94 -11.90
N ASP A 160 9.55 -10.09 -10.62
CA ASP A 160 8.71 -11.19 -10.15
C ASP A 160 8.04 -10.78 -8.84
N PRO A 161 6.90 -11.41 -8.49
CA PRO A 161 6.13 -10.91 -7.38
C PRO A 161 6.82 -11.15 -6.01
N ARG A 162 7.66 -12.18 -5.94
CA ARG A 162 8.46 -12.45 -4.72
C ARG A 162 9.34 -11.25 -4.34
N ALA A 163 9.92 -10.55 -5.32
CA ALA A 163 10.73 -9.35 -5.01
C ALA A 163 9.92 -8.25 -4.32
N LEU A 164 8.60 -8.28 -4.46
CA LEU A 164 7.73 -7.32 -3.77
C LEU A 164 7.52 -7.61 -2.26
N VAL A 165 7.82 -8.82 -1.75
CA VAL A 165 7.50 -9.13 -0.37
C VAL A 165 8.30 -8.24 0.62
N PRO A 166 9.57 -8.03 0.37
CA PRO A 166 10.30 -7.09 1.31
C PRO A 166 9.84 -5.64 1.20
N VAL A 167 9.37 -5.26 0.01
CA VAL A 167 8.81 -3.95 -0.23
C VAL A 167 7.55 -3.72 0.50
N LEU A 168 6.57 -4.62 0.37
CA LEU A 168 5.29 -4.45 1.03
C LEU A 168 5.49 -4.53 2.58
N GLY A 169 6.44 -5.35 2.93
CA GLY A 169 6.76 -5.56 4.34
C GLY A 169 7.29 -4.36 5.12
N VAL A 170 7.76 -3.31 4.42
CA VAL A 170 8.34 -2.07 5.03
C VAL A 170 7.42 -1.39 6.09
N GLY A 171 6.13 -1.44 5.84
CA GLY A 171 5.18 -0.88 6.78
C GLY A 171 4.66 -1.87 7.81
N LEU A 172 5.04 -3.14 7.70
CA LEU A 172 4.66 -4.15 8.70
C LEU A 172 5.76 -4.30 9.76
N SER A 173 5.71 -5.34 10.55
CA SER A 173 6.57 -5.41 11.71
C SER A 173 7.47 -6.66 11.71
N ALA A 174 7.78 -7.19 10.52
CA ALA A 174 8.76 -8.27 10.28
C ALA A 174 8.42 -9.54 11.11
N ARG A 175 7.12 -9.85 11.25
CA ARG A 175 6.73 -11.10 11.98
C ARG A 175 6.97 -12.29 11.06
N PRO A 176 7.32 -13.43 11.61
CA PRO A 176 7.41 -14.61 10.76
C PRO A 176 5.99 -15.07 10.43
N PRO A 177 5.87 -15.99 9.47
CA PRO A 177 4.51 -16.47 9.12
C PRO A 177 3.82 -17.16 10.25
N ALA A 178 2.55 -16.87 10.38
CA ALA A 178 1.68 -17.59 11.26
C ALA A 178 1.54 -19.04 10.78
N ARG A 179 1.27 -19.95 11.72
CA ARG A 179 1.09 -21.37 11.40
C ARG A 179 -0.29 -21.87 11.86
N PHE A 180 -1.14 -22.19 10.90
CA PHE A 180 -2.51 -22.59 11.17
C PHE A 180 -3.14 -23.02 9.89
N GLU A 181 -4.21 -23.80 10.04
CA GLU A 181 -5.00 -24.33 8.92
C GLU A 181 -5.92 -23.22 8.30
N GLU A 182 -5.73 -22.94 7.03
CA GLU A 182 -6.46 -21.91 6.31
C GLU A 182 -7.96 -22.16 6.41
N PHE A 183 -8.69 -21.07 6.48
CA PHE A 183 -10.11 -21.10 6.68
C PHE A 183 -10.70 -19.84 6.07
N SER A 184 -12.00 -19.83 5.87
CA SER A 184 -12.66 -18.68 5.28
C SER A 184 -13.82 -18.16 6.10
N MET A 185 -14.15 -16.90 5.94
CA MET A 185 -15.27 -16.33 6.66
C MET A 185 -16.01 -15.42 5.67
N PRO A 186 -17.31 -15.51 5.61
CA PRO A 186 -18.14 -14.55 4.83
C PRO A 186 -18.34 -13.24 5.57
N MET A 187 -18.64 -12.17 4.83
CA MET A 187 -18.90 -10.91 5.46
C MET A 187 -20.20 -10.91 6.27
N ARG A 188 -21.22 -11.66 5.84
CA ARG A 188 -22.40 -11.74 6.67
C ARG A 188 -22.13 -12.49 8.00
N VAL A 189 -21.27 -13.49 7.93
CA VAL A 189 -20.92 -14.24 9.12
C VAL A 189 -20.09 -13.35 10.07
N GLY A 190 -19.21 -12.58 9.48
CA GLY A 190 -18.39 -11.65 10.26
C GLY A 190 -19.28 -10.60 10.89
N ALA A 191 -20.27 -10.14 10.14
CA ALA A 191 -21.22 -9.16 10.67
C ALA A 191 -22.03 -9.71 11.88
N ARG A 192 -22.48 -10.96 11.84
CA ARG A 192 -23.22 -11.57 12.93
C ARG A 192 -22.28 -11.72 14.15
N ALA A 193 -21.05 -12.13 13.89
CA ALA A 193 -20.05 -12.22 14.98
C ALA A 193 -19.89 -10.87 15.66
N ASP A 194 -19.73 -9.80 14.86
CA ASP A 194 -19.58 -8.46 15.39
C ASP A 194 -20.75 -8.08 16.24
N GLU A 195 -21.99 -8.29 15.76
CA GLU A 195 -23.19 -8.09 16.59
C GLU A 195 -23.07 -8.77 17.97
N ARG A 196 -22.70 -10.03 17.97
CA ARG A 196 -22.57 -10.81 19.22
C ARG A 196 -21.55 -10.16 20.14
N LEU A 197 -20.42 -9.83 19.58
CA LEU A 197 -19.31 -9.14 20.31
C LEU A 197 -19.83 -7.81 20.86
N ARG A 198 -20.51 -6.99 20.01
CA ARG A 198 -21.14 -5.77 20.53
C ARG A 198 -22.16 -5.98 21.67
N SER A 199 -22.81 -7.13 21.73
CA SER A 199 -23.76 -7.43 22.78
C SER A 199 -23.08 -7.85 24.10
N GLY A 200 -21.79 -8.08 24.01
CA GLY A 200 -20.96 -8.32 25.18
C GLY A 200 -20.57 -9.78 25.26
N GLU A 201 -20.88 -10.60 24.24
CA GLU A 201 -20.35 -11.94 24.15
C GLU A 201 -18.80 -11.98 24.08
N SER A 202 -18.20 -13.02 24.63
CA SER A 202 -16.76 -13.12 24.63
C SER A 202 -16.28 -13.53 23.25
N LEU A 203 -15.07 -13.14 22.92
CA LEU A 203 -14.42 -13.64 21.77
C LEU A 203 -14.37 -15.17 21.75
N ASP A 204 -14.11 -15.77 22.93
CA ASP A 204 -14.14 -17.20 23.00
C ASP A 204 -15.46 -17.82 22.51
N GLU A 205 -16.63 -17.26 22.93
CA GLU A 205 -17.96 -17.75 22.60
C GLU A 205 -18.19 -17.58 21.06
N VAL A 206 -17.75 -16.46 20.52
CA VAL A 206 -17.84 -16.14 19.08
C VAL A 206 -16.90 -17.02 18.22
N LEU A 207 -15.69 -17.33 18.66
CA LEU A 207 -14.89 -18.36 17.99
C LEU A 207 -15.56 -19.76 18.03
N ASP A 208 -16.27 -20.13 19.10
CA ASP A 208 -17.00 -21.37 19.08
C ASP A 208 -18.10 -21.31 18.02
N TYR A 209 -18.84 -20.20 18.01
CA TYR A 209 -19.98 -19.99 17.04
C TYR A 209 -19.51 -20.15 15.60
N LEU A 210 -18.36 -19.58 15.28
CA LEU A 210 -17.70 -19.81 14.00
C LEU A 210 -17.05 -21.18 13.85
N GLY A 211 -16.89 -21.94 14.92
CA GLY A 211 -16.22 -23.23 14.83
C GLY A 211 -14.73 -23.17 14.45
N ILE A 212 -13.95 -22.26 15.05
CA ILE A 212 -12.50 -22.23 14.82
C ILE A 212 -11.88 -23.36 15.66
N PRO A 213 -11.02 -24.21 15.03
CA PRO A 213 -10.46 -25.33 15.83
C PRO A 213 -9.57 -24.71 16.92
N VAL A 214 -9.50 -25.35 18.09
CA VAL A 214 -8.73 -24.83 19.18
C VAL A 214 -7.28 -24.56 18.80
N SER A 215 -6.75 -25.38 17.92
CA SER A 215 -5.33 -25.33 17.57
C SER A 215 -5.01 -24.02 16.86
N ALA A 216 -6.00 -23.50 16.12
CA ALA A 216 -5.92 -22.23 15.37
C ALA A 216 -6.24 -20.93 16.17
N ARG A 217 -6.76 -21.06 17.40
CA ARG A 217 -7.23 -19.90 18.15
C ARG A 217 -6.14 -18.96 18.58
N PRO A 218 -4.96 -19.44 18.94
CA PRO A 218 -3.94 -18.43 19.21
C PRO A 218 -3.76 -17.42 18.02
N VAL A 219 -3.78 -17.96 16.81
CA VAL A 219 -3.64 -17.11 15.60
C VAL A 219 -4.89 -16.26 15.44
N VAL A 220 -6.06 -16.89 15.42
CA VAL A 220 -7.29 -16.10 15.22
C VAL A 220 -7.55 -15.08 16.32
N GLN A 221 -7.26 -15.42 17.62
CA GLN A 221 -7.45 -14.39 18.60
C GLN A 221 -6.45 -13.22 18.41
N ALA A 222 -5.31 -13.43 17.75
CA ALA A 222 -4.26 -12.39 17.55
C ALA A 222 -4.60 -11.47 16.35
N VAL A 223 -5.15 -12.09 15.33
CA VAL A 223 -5.69 -11.36 14.17
C VAL A 223 -6.72 -10.33 14.67
N PHE A 224 -7.48 -10.65 15.71
CA PHE A 224 -8.51 -9.75 16.18
C PHE A 224 -8.21 -9.10 17.54
N SER A 225 -6.92 -8.80 17.74
CA SER A 225 -6.43 -8.09 18.92
C SER A 225 -5.19 -7.36 18.54
N GLY A 226 -4.95 -6.26 19.25
CA GLY A 226 -3.65 -5.62 19.26
C GLY A 226 -2.64 -6.32 20.16
N PRO A 227 -1.35 -6.00 20.01
CA PRO A 227 -0.87 -5.12 18.99
C PRO A 227 -0.85 -5.82 17.62
N ARG A 228 -1.10 -5.04 16.60
CA ARG A 228 -1.03 -5.57 15.29
C ARG A 228 -0.77 -4.41 14.34
N SER A 229 -0.30 -4.79 13.17
CA SER A 229 -0.05 -3.86 12.06
C SER A 229 -0.52 -4.56 10.83
N TYR A 230 -1.03 -3.78 9.86
CA TYR A 230 -1.49 -4.42 8.65
C TYR A 230 -1.40 -3.45 7.51
N VAL A 231 -1.53 -4.04 6.33
CA VAL A 231 -1.56 -3.30 5.05
C VAL A 231 -2.73 -3.77 4.29
N GLU A 232 -3.38 -2.80 3.59
CA GLU A 232 -4.51 -3.09 2.72
C GLU A 232 -3.93 -2.70 1.33
N ILE A 233 -3.97 -3.61 0.40
CA ILE A 233 -3.38 -3.47 -0.97
C ILE A 233 -4.47 -3.56 -2.04
N VAL A 234 -4.42 -2.60 -2.96
CA VAL A 234 -5.32 -2.54 -4.12
C VAL A 234 -4.44 -2.38 -5.33
N ALA A 235 -4.75 -3.07 -6.40
CA ALA A 235 -4.00 -2.98 -7.62
C ALA A 235 -4.75 -2.09 -8.62
N GLY A 236 -4.02 -1.34 -9.38
CA GLY A 236 -4.64 -0.48 -10.40
C GLY A 236 -3.91 -0.47 -11.69
N CYS A 237 -4.62 -0.05 -12.77
CA CYS A 237 -3.96 0.14 -14.04
C CYS A 237 -4.64 1.24 -14.82
N ASN A 238 -3.90 1.79 -15.77
CA ASN A 238 -4.36 2.81 -16.67
C ASN A 238 -4.03 2.33 -18.08
N ARG A 239 -4.75 1.30 -18.54
CA ARG A 239 -4.65 0.76 -19.92
C ARG A 239 -5.35 1.63 -20.97
N ASP A 240 -6.68 1.59 -20.98
CA ASP A 240 -7.48 2.36 -21.95
C ASP A 240 -7.30 3.88 -21.83
N GLY A 241 -6.44 4.31 -20.88
CA GLY A 241 -6.47 5.66 -20.31
C GLY A 241 -7.57 5.72 -19.27
N GLU A 242 -8.13 4.54 -18.98
CA GLU A 242 -9.25 4.33 -18.07
C GLU A 242 -8.68 3.63 -16.86
N HIS A 243 -9.06 4.11 -15.67
CA HIS A 243 -8.26 4.02 -14.49
C HIS A 243 -8.76 2.95 -13.49
N THR A 244 -8.82 1.69 -13.90
CA THR A 244 -9.48 0.62 -13.13
C THR A 244 -8.61 0.21 -11.94
N THR A 245 -9.30 -0.12 -10.86
CA THR A 245 -8.72 -0.67 -9.65
C THR A 245 -9.49 -1.92 -9.38
N THR A 246 -8.87 -2.81 -8.64
CA THR A 246 -9.54 -4.02 -8.14
C THR A 246 -10.62 -3.62 -7.10
N ASP A 247 -11.82 -4.22 -7.15
CA ASP A 247 -12.70 -4.06 -5.97
C ASP A 247 -12.00 -4.79 -4.78
N VAL A 248 -11.41 -5.94 -5.08
CA VAL A 248 -10.73 -6.72 -4.06
C VAL A 248 -9.61 -5.84 -3.57
N GLY A 249 -9.41 -5.93 -2.26
CA GLY A 249 -8.17 -5.54 -1.63
C GLY A 249 -7.60 -6.57 -0.62
N LEU A 250 -6.35 -6.94 -0.86
CA LEU A 250 -5.63 -8.00 -0.07
C LEU A 250 -5.10 -7.35 1.16
N SER A 251 -5.22 -8.04 2.30
CA SER A 251 -4.64 -7.51 3.56
C SER A 251 -3.59 -8.46 4.02
N ILE A 252 -2.53 -7.89 4.57
CA ILE A 252 -1.50 -8.67 5.25
C ILE A 252 -1.42 -8.14 6.66
N VAL A 253 -1.45 -9.04 7.64
CA VAL A 253 -1.63 -8.60 8.98
C VAL A 253 -0.55 -9.23 9.84
N ASP A 254 0.25 -8.44 10.59
CA ASP A 254 1.27 -8.97 11.46
C ASP A 254 0.60 -8.97 12.81
N THR A 255 0.47 -10.15 13.40
CA THR A 255 -0.11 -10.31 14.73
C THR A 255 0.97 -10.88 15.68
N THR A 256 0.58 -11.04 16.93
CA THR A 256 1.51 -11.58 17.92
C THR A 256 1.76 -13.05 17.64
N ALA A 257 0.97 -13.67 16.78
CA ALA A 257 1.06 -15.08 16.46
C ALA A 257 1.65 -15.32 15.05
N GLY A 258 2.06 -14.23 14.41
CA GLY A 258 2.72 -14.23 13.16
C GLY A 258 1.90 -13.49 12.07
N ARG A 259 2.41 -13.61 10.86
CA ARG A 259 1.85 -12.90 9.71
C ARG A 259 0.75 -13.76 9.07
N VAL A 260 -0.36 -13.10 8.77
CA VAL A 260 -1.56 -13.72 8.21
C VAL A 260 -1.93 -12.96 6.95
N LEU A 261 -2.38 -13.71 5.97
CA LEU A 261 -2.85 -13.12 4.67
C LEU A 261 -4.34 -13.25 4.66
N VAL A 262 -5.06 -12.18 4.39
CA VAL A 262 -6.56 -12.18 4.27
C VAL A 262 -6.91 -11.84 2.81
N SER A 263 -7.55 -12.76 2.10
CA SER A 263 -7.77 -12.60 0.63
C SER A 263 -9.25 -12.69 0.30
N PRO A 264 -9.88 -11.54 0.06
CA PRO A 264 -11.27 -11.48 -0.19
C PRO A 264 -11.54 -11.83 -1.62
N SER A 265 -12.74 -12.34 -1.82
CA SER A 265 -13.35 -12.51 -3.14
C SER A 265 -14.82 -12.22 -3.05
N ARG A 266 -15.35 -11.65 -4.14
CA ARG A 266 -16.78 -11.36 -4.23
C ARG A 266 -17.50 -12.57 -4.75
N ALA A 267 -18.42 -13.16 -3.98
CA ALA A 267 -19.23 -14.29 -4.42
C ALA A 267 -20.32 -13.82 -5.38
N PHE A 268 -20.92 -14.79 -6.07
CA PHE A 268 -21.89 -14.54 -7.12
C PHE A 268 -23.06 -13.67 -6.70
N ASP A 269 -23.41 -13.65 -5.38
CA ASP A 269 -24.48 -12.83 -4.90
C ASP A 269 -23.95 -11.48 -4.44
N GLY A 270 -22.65 -11.20 -4.78
CA GLY A 270 -21.96 -9.99 -4.32
C GLY A 270 -21.20 -10.09 -3.03
N GLU A 271 -21.68 -10.87 -2.06
CA GLU A 271 -21.09 -10.74 -0.73
C GLU A 271 -19.58 -11.06 -0.72
N TRP A 272 -18.79 -10.32 0.06
CA TRP A 272 -17.38 -10.62 0.19
C TRP A 272 -17.16 -11.90 1.06
N VAL A 273 -16.21 -12.74 0.64
CA VAL A 273 -15.76 -13.91 1.39
C VAL A 273 -14.23 -13.89 1.44
N SER A 274 -13.63 -14.12 2.61
CA SER A 274 -12.19 -13.96 2.77
C SER A 274 -11.56 -15.24 3.22
N THR A 275 -10.42 -15.56 2.63
CA THR A 275 -9.67 -16.69 3.07
C THR A 275 -8.53 -16.17 4.00
N PHE A 276 -8.36 -16.77 5.15
CA PHE A 276 -7.28 -16.42 6.08
C PHE A 276 -6.26 -17.59 6.02
N SER A 277 -5.00 -17.28 5.74
CA SER A 277 -3.94 -18.26 5.54
C SER A 277 -2.59 -17.71 6.13
N ALA A 278 -1.67 -18.63 6.28
CA ALA A 278 -0.33 -18.29 6.74
C ALA A 278 0.33 -17.32 5.78
N GLY A 279 0.84 -16.23 6.35
CA GLY A 279 1.64 -15.25 5.57
C GLY A 279 3.05 -15.62 5.17
N THR A 280 3.27 -16.75 4.52
CA THR A 280 4.56 -17.11 3.97
C THR A 280 4.93 -16.16 2.82
N PRO A 281 6.22 -16.00 2.53
CA PRO A 281 6.61 -15.21 1.31
C PRO A 281 6.02 -15.79 0.05
N PHE A 282 6.05 -17.12 -0.03
CA PHE A 282 5.41 -17.82 -1.17
C PHE A 282 3.91 -17.49 -1.30
N ALA A 283 3.12 -17.75 -0.26
CA ALA A 283 1.71 -17.41 -0.25
C ALA A 283 1.48 -15.93 -0.54
N THR A 284 2.31 -15.04 0.00
CA THR A 284 2.13 -13.61 -0.27
C THR A 284 2.29 -13.28 -1.78
N ALA A 285 3.35 -13.79 -2.39
CA ALA A 285 3.67 -13.65 -3.81
C ALA A 285 2.55 -14.08 -4.68
N VAL A 286 1.90 -15.16 -4.29
CA VAL A 286 0.85 -15.76 -5.07
C VAL A 286 -0.39 -14.91 -4.97
N ALA A 287 -0.63 -14.43 -3.77
CA ALA A 287 -1.79 -13.59 -3.52
C ALA A 287 -1.66 -12.23 -4.27
N ILE A 288 -0.44 -11.74 -4.41
CA ILE A 288 -0.18 -10.46 -5.12
C ILE A 288 -0.37 -10.70 -6.58
N ASP A 289 0.22 -11.74 -7.15
CA ASP A 289 -0.15 -12.22 -8.51
C ASP A 289 -1.65 -12.33 -8.71
N GLN A 290 -2.33 -12.96 -7.76
CA GLN A 290 -3.74 -13.22 -7.92
C GLN A 290 -4.55 -11.94 -7.99
N LEU A 291 -4.21 -11.04 -7.10
CA LEU A 291 -4.81 -9.71 -7.02
C LEU A 291 -4.65 -9.00 -8.34
N ILE A 292 -3.44 -9.04 -8.87
CA ILE A 292 -3.19 -8.31 -10.11
C ILE A 292 -3.96 -8.91 -11.25
N ALA A 293 -4.02 -10.26 -11.28
CA ALA A 293 -4.78 -10.99 -12.27
C ALA A 293 -6.17 -10.40 -12.46
N ASN A 294 -6.88 -9.97 -11.44
CA ASN A 294 -8.17 -9.35 -11.73
C ASN A 294 -8.11 -8.20 -12.77
N LEU A 295 -6.95 -7.55 -13.01
CA LEU A 295 -6.91 -6.40 -13.91
C LEU A 295 -6.87 -6.73 -15.42
N PRO A 296 -7.28 -5.77 -16.28
CA PRO A 296 -7.24 -5.99 -17.75
C PRO A 296 -5.80 -6.13 -18.23
N ASP A 297 -4.97 -5.14 -17.87
CA ASP A 297 -3.50 -5.23 -17.93
C ASP A 297 -3.15 -6.70 -17.83
N GLY A 298 -3.53 -7.26 -16.67
CA GLY A 298 -3.56 -8.70 -16.45
C GLY A 298 -2.23 -9.31 -16.05
N GLN A 299 -1.23 -9.20 -16.95
CA GLN A 299 0.05 -9.89 -16.84
C GLN A 299 1.24 -8.93 -16.63
N TRP A 300 1.33 -8.30 -15.45
CA TRP A 300 2.45 -7.38 -15.13
C TRP A 300 3.87 -7.97 -15.25
N PHE A 301 4.01 -9.27 -14.96
CA PHE A 301 5.31 -9.98 -15.05
C PHE A 301 5.35 -10.98 -16.21
#